data_2G8E
#
_entry.id   2G8E
#
_cell.length_a   85.542
_cell.length_b   85.542
_cell.length_c   117.946
_cell.angle_alpha   90.00
_cell.angle_beta   90.00
_cell.angle_gamma   90.00
#
_symmetry.space_group_name_H-M   'P 43 2 2'
#
loop_
_entity.id
_entity.type
_entity.pdbx_description
1 polymer 'Calpain-1 catalytic subunit'
2 non-polymer 'CALCIUM ION'
3 non-polymer N-[(2S)-1,4-dihydroxybutan-2-yl]-N~2~-(phenylcarbamothioyl)-L-leucinamide
4 non-polymer '2-(N-MORPHOLINO)-ETHANESULFONIC ACID'
5 water water
#
_entity_poly.entity_id   1
_entity_poly.type   'polypeptide(L)'
_entity_poly.pdbx_seq_one_letter_code
;MGLGRHENAIKYLGQDYENLRARCLQNGVLFQDDAFPPVSHSLGFKELGPNSSKTYGIKWKRPTELLSNPQFIVDGATRT
DICQGALGDCWLLAAIASLTLNETILHRVVPYGQSFQEGYAGIFHFQLWQFGEWVDVVVDDLLPTKDGKLVFVHSAQGNE
FWSALLEKAYAKVNGSYEALSGGCTSEAFEDFTGGVTEWYDLQKAPSDLYQIILKALERGSLLGCSINISDIRDLEAITF
KNLVRGHAYSVTDAKQVTYQGQRVNLIRMRNPWGEVEWKGPWSDNSYEWNKVDPYEREQLRVKMEDGEFWMSFRDFIREF
TKLEICNLTPDLEHHHHHH
;
_entity_poly.pdbx_strand_id   A
#
# COMPACT_ATOMS: atom_id res chain seq x y z
N ASN A 8 14.07 -19.54 -7.15
CA ASN A 8 13.05 -20.61 -7.32
C ASN A 8 11.66 -20.10 -7.83
N ALA A 9 11.52 -18.79 -8.02
CA ALA A 9 10.21 -18.22 -8.44
C ALA A 9 9.87 -18.58 -9.90
N ILE A 10 8.65 -19.06 -10.11
CA ILE A 10 8.06 -19.20 -11.43
C ILE A 10 8.24 -17.87 -12.23
N LYS A 11 8.53 -17.97 -13.53
CA LYS A 11 8.55 -16.79 -14.42
C LYS A 11 7.12 -16.53 -14.90
N TYR A 12 6.48 -15.50 -14.39
CA TYR A 12 5.11 -15.14 -14.77
C TYR A 12 5.06 -14.95 -16.30
N LEU A 13 4.20 -15.75 -16.96
CA LEU A 13 4.02 -15.69 -18.42
C LEU A 13 5.33 -16.09 -19.13
N GLY A 14 6.17 -16.86 -18.43
CA GLY A 14 7.50 -17.17 -18.91
C GLY A 14 8.33 -15.93 -19.25
N GLN A 15 7.99 -14.73 -18.73
CA GLN A 15 8.89 -13.60 -18.95
C GLN A 15 10.07 -13.68 -17.97
N ASP A 16 11.28 -13.57 -18.51
CA ASP A 16 12.48 -13.78 -17.72
C ASP A 16 13.17 -12.47 -17.49
N TYR A 17 13.05 -11.93 -16.27
CA TYR A 17 13.66 -10.65 -15.95
C TYR A 17 15.13 -10.51 -16.37
N GLU A 18 16.02 -11.41 -15.91
CA GLU A 18 17.49 -11.15 -16.17
C GLU A 18 17.82 -11.26 -17.68
N ASN A 19 17.27 -12.26 -18.34
CA ASN A 19 17.44 -12.41 -19.80
C ASN A 19 16.85 -11.24 -20.58
N LEU A 20 15.68 -10.75 -20.18
CA LEU A 20 15.08 -9.62 -20.90
C LEU A 20 15.91 -8.36 -20.74
N ARG A 21 16.43 -8.15 -19.52
CA ARG A 21 17.24 -6.98 -19.23
C ARG A 21 18.64 -7.05 -19.97
N ALA A 22 19.29 -8.21 -19.92
CA ALA A 22 20.55 -8.49 -20.68
C ALA A 22 20.41 -8.28 -22.21
N ARG A 23 19.33 -8.77 -22.82
CA ARG A 23 18.98 -8.51 -24.25
C ARG A 23 18.72 -7.03 -24.58
N CYS A 24 17.88 -6.37 -23.78
CA CYS A 24 17.66 -4.94 -24.01
C CYS A 24 18.96 -4.18 -23.93
N LEU A 25 19.75 -4.35 -22.87
CA LEU A 25 21.08 -3.71 -22.81
C LEU A 25 21.98 -4.00 -24.01
N GLN A 26 21.98 -5.25 -24.47
CA GLN A 26 22.76 -5.68 -25.62
C GLN A 26 22.26 -4.96 -26.90
N ASN A 27 20.96 -5.07 -27.22
CA ASN A 27 20.42 -4.44 -28.40
C ASN A 27 20.36 -2.91 -28.27
N GLY A 28 20.78 -2.38 -27.12
CA GLY A 28 20.79 -0.92 -26.88
C GLY A 28 19.39 -0.32 -26.83
N VAL A 29 18.38 -1.09 -26.42
CA VAL A 29 16.99 -0.59 -26.37
C VAL A 29 16.43 -0.57 -24.91
N LEU A 30 15.21 -0.05 -24.74
CA LEU A 30 14.48 -0.09 -23.49
C LEU A 30 13.38 -1.15 -23.61
N PHE A 31 13.19 -1.95 -22.56
CA PHE A 31 12.11 -2.94 -22.55
C PHE A 31 10.73 -2.32 -22.85
N GLN A 32 9.95 -3.05 -23.66
CA GLN A 32 8.56 -2.70 -23.94
C GLN A 32 7.78 -3.99 -23.68
N ASP A 33 6.93 -3.98 -22.64
CA ASP A 33 6.28 -5.17 -22.14
C ASP A 33 5.07 -5.49 -23.00
N ASP A 34 5.22 -6.46 -23.90
CA ASP A 34 4.13 -6.93 -24.78
C ASP A 34 3.01 -7.60 -23.98
N ALA A 35 3.31 -8.06 -22.77
CA ALA A 35 2.29 -8.68 -21.90
C ALA A 35 1.39 -7.68 -21.13
N PHE A 36 1.79 -6.41 -21.06
CA PHE A 36 1.02 -5.38 -20.42
C PHE A 36 1.47 -4.07 -21.06
N PRO A 37 1.01 -3.79 -22.31
CA PRO A 37 1.48 -2.66 -23.10
C PRO A 37 0.95 -1.31 -22.66
N PRO A 38 1.67 -0.22 -23.04
CA PRO A 38 1.25 1.10 -22.60
C PRO A 38 0.00 1.54 -23.40
N VAL A 39 -1.10 0.81 -23.28
CA VAL A 39 -2.25 1.04 -24.17
C VAL A 39 -3.52 1.15 -23.31
N SER A 40 -4.67 1.35 -23.95
CA SER A 40 -5.84 1.63 -23.12
C SER A 40 -6.42 0.38 -22.47
N HIS A 41 -6.30 -0.79 -23.08
CA HIS A 41 -6.74 -2.01 -22.34
C HIS A 41 -6.04 -2.23 -21.01
N SER A 42 -4.85 -1.66 -20.84
CA SER A 42 -4.11 -1.84 -19.59
C SER A 42 -4.63 -0.90 -18.53
N LEU A 43 -5.31 0.17 -18.96
CA LEU A 43 -5.90 1.10 -18.01
C LEU A 43 -7.22 0.52 -17.51
N GLY A 44 -8.15 0.27 -18.45
CA GLY A 44 -9.51 -0.24 -18.14
C GLY A 44 -10.47 -0.14 -19.31
N PHE A 45 -11.75 -0.36 -19.01
CA PHE A 45 -12.82 -0.59 -20.02
C PHE A 45 -14.02 0.23 -19.79
N LYS A 46 -14.18 0.61 -18.53
CA LYS A 46 -15.33 1.37 -18.07
C LYS A 46 -14.93 2.76 -17.53
N GLU A 47 -14.75 2.89 -16.22
CA GLU A 47 -14.35 4.15 -15.61
C GLU A 47 -13.02 4.66 -16.17
N LEU A 48 -12.15 3.72 -16.52
CA LEU A 48 -10.81 3.95 -17.06
C LEU A 48 -10.79 3.46 -18.49
N GLY A 49 -11.99 3.40 -19.08
CA GLY A 49 -12.15 3.19 -20.50
C GLY A 49 -11.55 4.31 -21.34
N PRO A 50 -11.30 4.03 -22.62
CA PRO A 50 -10.68 5.02 -23.53
C PRO A 50 -11.55 6.28 -23.73
N ASN A 51 -12.85 6.17 -23.56
CA ASN A 51 -13.76 7.26 -23.90
C ASN A 51 -14.24 7.93 -22.63
N SER A 52 -13.62 7.55 -21.50
CA SER A 52 -13.91 8.13 -20.19
C SER A 52 -13.14 9.43 -20.02
N SER A 53 -13.72 10.39 -19.30
CA SER A 53 -13.02 11.65 -19.01
C SER A 53 -11.89 11.44 -17.96
N LYS A 54 -11.99 10.37 -17.18
CA LYS A 54 -10.89 9.99 -16.27
C LYS A 54 -9.54 9.72 -16.99
N THR A 55 -9.60 9.28 -18.25
CA THR A 55 -8.41 8.97 -19.03
C THR A 55 -8.08 10.03 -20.05
N TYR A 56 -8.76 11.16 -19.99
CA TYR A 56 -8.48 12.19 -20.98
C TYR A 56 -7.11 12.80 -20.72
N GLY A 57 -6.25 12.81 -21.74
CA GLY A 57 -4.94 13.44 -21.60
C GLY A 57 -3.90 12.56 -20.89
N ILE A 58 -4.23 11.28 -20.67
CA ILE A 58 -3.21 10.35 -20.14
C ILE A 58 -2.20 9.95 -21.22
N LYS A 59 -0.93 10.10 -20.84
CA LYS A 59 0.21 9.69 -21.62
C LYS A 59 1.13 8.80 -20.76
N TRP A 60 1.53 7.68 -21.34
CA TRP A 60 2.41 6.77 -20.66
C TRP A 60 3.81 7.28 -20.81
N LYS A 61 4.50 7.49 -19.69
CA LYS A 61 5.86 8.02 -19.66
C LYS A 61 6.74 7.22 -18.69
N ARG A 62 8.00 7.00 -19.11
CA ARG A 62 9.05 6.41 -18.28
C ARG A 62 9.47 7.44 -17.24
N PRO A 63 9.90 7.00 -16.04
CA PRO A 63 10.38 7.99 -15.02
C PRO A 63 11.56 8.92 -15.49
N THR A 64 12.41 8.42 -16.38
CA THR A 64 13.47 9.17 -17.05
C THR A 64 12.95 10.28 -17.97
N GLU A 65 11.77 10.07 -18.56
CA GLU A 65 11.14 11.12 -19.35
C GLU A 65 10.49 12.17 -18.47
N LEU A 66 10.39 11.93 -17.17
CA LEU A 66 9.67 12.84 -16.27
C LEU A 66 10.56 13.81 -15.50
N LEU A 67 11.82 13.45 -15.33
CA LEU A 67 12.79 14.27 -14.59
C LEU A 67 14.17 13.65 -14.82
N SER A 68 15.21 14.39 -14.43
CA SER A 68 16.59 13.98 -14.81
C SER A 68 17.16 12.89 -13.92
N ASN A 69 16.74 12.87 -12.65
CA ASN A 69 17.27 11.92 -11.67
C ASN A 69 16.22 11.00 -11.02
N PRO A 70 15.47 10.18 -11.81
CA PRO A 70 14.55 9.27 -11.12
C PRO A 70 15.26 8.21 -10.28
N GLN A 71 14.69 7.91 -9.12
CA GLN A 71 15.23 6.89 -8.26
C GLN A 71 14.23 5.78 -8.01
N PHE A 72 14.71 4.55 -7.90
CA PHE A 72 13.81 3.44 -7.55
C PHE A 72 13.39 3.57 -6.07
N ILE A 73 14.38 3.61 -5.18
CA ILE A 73 14.16 3.79 -3.75
C ILE A 73 14.94 5.01 -3.21
N VAL A 74 14.26 5.92 -2.52
CA VAL A 74 14.91 7.05 -1.80
C VAL A 74 14.70 6.90 -0.28
N ASP A 75 15.76 6.76 0.52
CA ASP A 75 15.63 6.72 1.98
C ASP A 75 14.76 5.54 2.45
N GLY A 76 14.93 4.38 1.84
CA GLY A 76 14.07 3.23 2.12
C GLY A 76 12.71 3.17 1.40
N ALA A 77 12.21 1.97 1.32
CA ALA A 77 10.91 1.69 0.79
C ALA A 77 10.05 1.66 2.08
N THR A 78 9.42 2.79 2.39
CA THR A 78 8.68 3.01 3.65
C THR A 78 7.25 3.45 3.26
N ARG A 79 6.33 3.43 4.24
CA ARG A 79 4.91 3.68 3.98
C ARG A 79 4.60 5.08 3.51
N THR A 80 5.45 6.04 3.83
CA THR A 80 5.23 7.39 3.33
C THR A 80 5.33 7.43 1.77
N ASP A 81 5.82 6.34 1.18
CA ASP A 81 5.98 6.23 -0.27
C ASP A 81 4.68 5.83 -0.95
N ILE A 82 3.61 5.67 -0.17
CA ILE A 82 2.34 5.13 -0.65
C ILE A 82 1.24 6.17 -0.51
N CYS A 83 0.95 6.84 -1.62
CA CYS A 83 -0.05 7.90 -1.69
C CYS A 83 -0.95 7.57 -2.88
N GLN A 84 -2.17 7.19 -2.57
CA GLN A 84 -3.13 6.78 -3.58
C GLN A 84 -3.35 7.86 -4.65
N GLY A 85 -3.50 7.43 -5.91
CA GLY A 85 -3.89 8.34 -6.98
C GLY A 85 -5.35 8.15 -7.34
N ALA A 86 -5.69 8.37 -8.60
CA ALA A 86 -7.11 8.32 -9.05
C ALA A 86 -7.64 6.91 -9.34
N LEU A 87 -7.70 6.06 -8.30
CA LEU A 87 -8.09 4.65 -8.46
C LEU A 87 -8.51 4.12 -7.10
N GLY A 88 -9.54 3.28 -7.06
CA GLY A 88 -10.07 2.77 -5.81
C GLY A 88 -9.27 1.57 -5.33
N ASP A 89 -7.96 1.69 -5.30
CA ASP A 89 -7.13 0.54 -4.81
C ASP A 89 -6.57 0.71 -3.42
N CYS A 90 -7.37 1.37 -2.56
CA CYS A 90 -7.00 1.55 -1.15
C CYS A 90 -6.55 0.25 -0.49
N TRP A 91 -7.27 -0.83 -0.79
CA TRP A 91 -7.01 -2.15 -0.20
C TRP A 91 -5.59 -2.68 -0.50
N LEU A 92 -5.17 -2.59 -1.76
CA LEU A 92 -3.78 -2.88 -2.18
C LEU A 92 -2.75 -1.95 -1.51
N LEU A 93 -3.02 -0.65 -1.57
CA LEU A 93 -2.08 0.31 -1.06
C LEU A 93 -1.85 0.19 0.43
N ALA A 94 -2.94 -0.08 1.18
CA ALA A 94 -2.90 -0.28 2.67
C ALA A 94 -2.03 -1.48 2.99
N ALA A 95 -2.15 -2.50 2.13
CA ALA A 95 -1.38 -3.75 2.21
C ALA A 95 0.07 -3.53 1.89
N ILE A 96 0.37 -2.72 0.85
CA ILE A 96 1.74 -2.30 0.59
C ILE A 96 2.34 -1.47 1.74
N ALA A 97 1.62 -0.45 2.24
CA ALA A 97 2.11 0.32 3.39
C ALA A 97 2.41 -0.61 4.62
N SER A 98 1.51 -1.54 4.94
CA SER A 98 1.78 -2.55 6.00
C SER A 98 2.99 -3.41 5.69
N LEU A 99 3.13 -3.86 4.44
CA LEU A 99 4.27 -4.68 4.03
C LEU A 99 5.63 -4.05 4.36
N THR A 100 5.74 -2.73 4.22
CA THR A 100 6.98 -2.01 4.44
C THR A 100 7.45 -2.00 5.91
N LEU A 101 6.56 -2.42 6.81
CA LEU A 101 6.92 -2.37 8.22
C LEU A 101 7.91 -3.46 8.60
N ASN A 102 7.88 -4.58 7.84
CA ASN A 102 8.82 -5.70 7.93
C ASN A 102 9.77 -5.73 6.68
N GLU A 103 11.03 -5.29 6.86
CA GLU A 103 12.00 -5.16 5.76
C GLU A 103 12.22 -6.45 4.98
N THR A 104 12.18 -7.59 5.69
CA THR A 104 12.41 -8.88 5.09
C THR A 104 11.39 -9.25 4.02
N ILE A 105 10.09 -9.22 4.38
CA ILE A 105 9.07 -9.58 3.37
C ILE A 105 8.85 -8.46 2.37
N LEU A 106 9.11 -7.21 2.77
CA LEU A 106 9.08 -6.13 1.81
C LEU A 106 9.97 -6.39 0.59
N HIS A 107 11.23 -6.74 0.86
CA HIS A 107 12.21 -6.91 -0.17
C HIS A 107 12.23 -8.30 -0.79
N ARG A 108 11.33 -9.14 -0.36
CA ARG A 108 10.99 -10.32 -1.10
C ARG A 108 10.04 -9.95 -2.25
N VAL A 109 9.07 -9.09 -1.94
CA VAL A 109 8.16 -8.53 -2.94
C VAL A 109 8.90 -7.54 -3.92
N VAL A 110 9.79 -6.69 -3.38
CA VAL A 110 10.56 -5.69 -4.12
C VAL A 110 12.07 -6.04 -4.07
N PRO A 111 12.53 -6.91 -4.99
CA PRO A 111 13.93 -7.33 -4.82
C PRO A 111 14.95 -6.17 -4.81
N TYR A 112 16.02 -6.34 -4.03
CA TYR A 112 17.08 -5.37 -3.98
C TYR A 112 17.79 -5.25 -5.36
N GLY A 113 18.48 -4.15 -5.53
CA GLY A 113 19.42 -3.95 -6.62
C GLY A 113 18.87 -3.22 -7.84
N GLN A 114 17.63 -2.73 -7.74
CA GLN A 114 16.93 -2.18 -8.88
C GLN A 114 17.14 -0.67 -8.97
N SER A 115 17.40 -0.21 -10.19
CA SER A 115 17.97 1.09 -10.34
C SER A 115 17.64 1.66 -11.70
N PHE A 116 17.63 3.01 -11.77
CA PHE A 116 17.55 3.72 -13.02
C PHE A 116 18.95 4.05 -13.56
N GLN A 117 19.99 3.54 -12.90
CA GLN A 117 21.39 3.68 -13.35
C GLN A 117 22.04 2.31 -13.71
N GLU A 118 22.75 1.64 -12.79
CA GLU A 118 23.49 0.38 -13.11
C GLU A 118 22.50 -0.65 -13.60
N GLY A 119 22.64 -1.14 -14.83
CA GLY A 119 21.82 -2.26 -15.31
C GLY A 119 20.46 -1.80 -15.85
N TYR A 120 20.29 -0.50 -16.05
CA TYR A 120 18.98 0.06 -16.46
C TYR A 120 18.65 -0.17 -17.91
N ALA A 121 17.56 -0.92 -18.14
CA ALA A 121 17.02 -1.12 -19.48
C ALA A 121 15.47 -0.91 -19.53
N GLY A 122 14.91 -0.09 -18.63
CA GLY A 122 13.46 0.14 -18.62
C GLY A 122 12.59 -1.03 -18.16
N ILE A 123 13.14 -1.95 -17.38
CA ILE A 123 12.46 -3.15 -16.90
C ILE A 123 12.67 -3.34 -15.40
N PHE A 124 11.59 -3.65 -14.68
CA PHE A 124 11.71 -3.86 -13.22
C PHE A 124 11.00 -5.13 -12.87
N HIS A 125 11.16 -5.67 -11.66
CA HIS A 125 10.48 -6.92 -11.29
C HIS A 125 10.08 -7.05 -9.81
N PHE A 126 9.09 -7.89 -9.54
CA PHE A 126 8.44 -7.97 -8.24
C PHE A 126 7.98 -9.40 -8.06
N GLN A 127 7.83 -9.85 -6.82
CA GLN A 127 7.45 -11.26 -6.60
C GLN A 127 6.19 -11.28 -5.78
N LEU A 128 5.24 -12.03 -6.26
CA LEU A 128 3.91 -12.09 -5.73
C LEU A 128 3.67 -13.57 -5.48
N TRP A 129 2.86 -13.87 -4.46
CA TRP A 129 2.38 -15.22 -4.21
C TRP A 129 1.06 -15.38 -4.97
N GLN A 130 0.98 -16.33 -5.91
CA GLN A 130 -0.20 -16.59 -6.77
C GLN A 130 -0.40 -18.10 -6.89
N PHE A 131 -1.57 -18.61 -6.47
CA PHE A 131 -1.93 -20.03 -6.63
C PHE A 131 -0.85 -20.97 -6.03
N GLY A 132 -0.51 -20.71 -4.78
CA GLY A 132 0.38 -21.56 -4.02
C GLY A 132 1.82 -21.61 -4.49
N GLU A 133 2.27 -20.59 -5.24
CA GLU A 133 3.68 -20.44 -5.59
C GLU A 133 4.09 -18.95 -5.79
N TRP A 134 5.36 -18.63 -5.50
CA TRP A 134 6.02 -17.34 -5.79
C TRP A 134 6.28 -17.15 -7.26
N VAL A 135 5.91 -16.01 -7.82
CA VAL A 135 6.08 -15.76 -9.27
C VAL A 135 6.82 -14.45 -9.42
N ASP A 136 7.72 -14.37 -10.40
CA ASP A 136 8.44 -13.16 -10.71
C ASP A 136 7.70 -12.48 -11.85
N VAL A 137 7.22 -11.26 -11.61
CA VAL A 137 6.47 -10.45 -12.56
C VAL A 137 7.38 -9.27 -12.97
N VAL A 138 7.61 -9.12 -14.25
CA VAL A 138 8.29 -7.96 -14.79
C VAL A 138 7.29 -6.91 -15.27
N VAL A 139 7.76 -5.66 -15.36
CA VAL A 139 7.02 -4.60 -16.02
C VAL A 139 8.07 -3.70 -16.73
N ASP A 140 7.67 -3.01 -17.80
CA ASP A 140 8.48 -1.90 -18.30
C ASP A 140 8.07 -0.70 -17.41
N ASP A 141 8.83 0.40 -17.39
CA ASP A 141 8.55 1.51 -16.49
C ASP A 141 7.77 2.67 -17.14
N LEU A 142 7.08 2.39 -18.25
CA LEU A 142 6.10 3.32 -18.79
C LEU A 142 4.93 3.36 -17.76
N LEU A 143 4.68 4.55 -17.25
CA LEU A 143 3.64 4.82 -16.26
C LEU A 143 2.60 5.90 -16.73
N PRO A 144 1.30 5.71 -16.40
CA PRO A 144 0.27 6.73 -16.69
C PRO A 144 0.54 8.03 -15.96
N THR A 145 0.62 9.11 -16.73
CA THR A 145 0.86 10.47 -16.23
C THR A 145 -0.16 11.42 -16.89
N LYS A 146 -0.41 12.55 -16.26
CA LYS A 146 -1.19 13.59 -16.84
C LYS A 146 -0.46 14.85 -16.43
N ASP A 147 -0.14 15.70 -17.41
CA ASP A 147 0.58 16.96 -17.17
C ASP A 147 1.90 16.70 -16.42
N GLY A 148 2.60 15.64 -16.82
CA GLY A 148 3.89 15.26 -16.19
C GLY A 148 3.83 14.73 -14.76
N LYS A 149 2.62 14.42 -14.27
CA LYS A 149 2.45 13.85 -12.92
C LYS A 149 1.82 12.44 -13.02
N LEU A 150 2.28 11.54 -12.16
CA LEU A 150 1.64 10.20 -12.06
C LEU A 150 0.17 10.33 -11.72
N VAL A 151 -0.64 9.55 -12.44
CA VAL A 151 -2.09 9.46 -12.22
C VAL A 151 -2.41 8.55 -11.01
N PHE A 152 -1.63 7.48 -10.83
CA PHE A 152 -2.04 6.51 -9.78
C PHE A 152 -1.14 6.62 -8.58
N VAL A 153 -0.60 5.55 -8.01
CA VAL A 153 0.16 5.72 -6.76
C VAL A 153 1.46 6.49 -7.03
N HIS A 154 1.82 7.31 -6.06
CA HIS A 154 3.04 8.07 -6.11
C HIS A 154 3.61 8.15 -4.70
N SER A 155 4.85 8.59 -4.63
CA SER A 155 5.53 8.70 -3.36
C SER A 155 5.47 10.14 -2.92
N ALA A 156 5.52 10.35 -1.60
CA ALA A 156 5.62 11.72 -1.06
C ALA A 156 6.91 12.34 -1.57
N GLN A 157 7.95 11.52 -1.81
CA GLN A 157 9.21 11.90 -2.47
C GLN A 157 9.04 11.84 -3.98
N GLY A 158 8.94 13.02 -4.61
CA GLY A 158 8.53 13.16 -6.01
C GLY A 158 9.31 12.37 -7.08
N ASN A 159 10.57 12.04 -6.76
CA ASN A 159 11.48 11.35 -7.70
C ASN A 159 11.62 9.84 -7.43
N GLU A 160 10.78 9.32 -6.52
CA GLU A 160 10.83 7.91 -6.16
C GLU A 160 9.73 7.11 -6.84
N PHE A 161 10.12 5.99 -7.46
CA PHE A 161 9.23 5.19 -8.33
C PHE A 161 8.92 3.68 -7.98
N TRP A 162 9.59 3.09 -6.99
CA TRP A 162 9.30 1.67 -6.65
C TRP A 162 7.80 1.36 -6.42
N SER A 163 7.08 2.21 -5.69
CA SER A 163 5.64 1.94 -5.38
C SER A 163 4.76 2.07 -6.62
N ALA A 164 5.04 3.07 -7.48
CA ALA A 164 4.32 3.21 -8.76
C ALA A 164 4.44 1.96 -9.64
N LEU A 165 5.62 1.35 -9.58
CA LEU A 165 6.00 0.20 -10.40
C LEU A 165 5.47 -1.07 -9.82
N LEU A 166 5.51 -1.16 -8.48
CA LEU A 166 4.88 -2.29 -7.78
C LEU A 166 3.34 -2.35 -8.05
N GLU A 167 2.67 -1.20 -7.95
CA GLU A 167 1.23 -1.13 -8.27
C GLU A 167 0.94 -1.43 -9.73
N LYS A 168 1.87 -1.06 -10.63
CA LYS A 168 1.70 -1.40 -12.05
C LYS A 168 1.80 -2.91 -12.24
N ALA A 169 2.73 -3.56 -11.53
CA ALA A 169 2.90 -5.01 -11.61
C ALA A 169 1.72 -5.75 -11.06
N TYR A 170 1.14 -5.25 -9.97
CA TYR A 170 -0.06 -5.84 -9.41
C TYR A 170 -1.25 -5.62 -10.36
N ALA A 171 -1.44 -4.41 -10.93
CA ALA A 171 -2.42 -4.21 -12.03
C ALA A 171 -2.22 -5.21 -13.19
N LYS A 172 -0.98 -5.42 -13.62
CA LYS A 172 -0.65 -6.43 -14.64
C LYS A 172 -1.18 -7.84 -14.30
N VAL A 173 -0.87 -8.38 -13.11
CA VAL A 173 -1.38 -9.73 -12.75
C VAL A 173 -2.94 -9.81 -12.71
N ASN A 174 -3.59 -8.67 -12.56
CA ASN A 174 -5.05 -8.61 -12.60
C ASN A 174 -5.60 -8.12 -13.92
N GLY A 175 -4.74 -7.86 -14.91
CA GLY A 175 -5.22 -7.56 -16.24
C GLY A 175 -5.26 -6.10 -16.61
N SER A 176 -5.43 -5.20 -15.63
CA SER A 176 -5.47 -3.76 -15.86
C SER A 176 -5.55 -3.00 -14.54
N TYR A 177 -5.35 -1.68 -14.61
CA TYR A 177 -5.50 -0.85 -13.43
C TYR A 177 -6.94 -0.87 -12.90
N GLU A 178 -7.92 -0.84 -13.78
CA GLU A 178 -9.31 -0.76 -13.38
C GLU A 178 -9.75 -2.01 -12.56
N ALA A 179 -9.18 -3.20 -12.87
CA ALA A 179 -9.43 -4.40 -12.03
C ALA A 179 -9.13 -4.17 -10.55
N LEU A 180 -8.40 -3.11 -10.22
CA LEU A 180 -7.94 -2.86 -8.85
C LEU A 180 -8.84 -1.94 -8.05
N SER A 181 -9.90 -1.45 -8.68
CA SER A 181 -10.86 -0.54 -8.08
C SER A 181 -11.87 -1.34 -7.26
N GLY A 182 -11.87 -1.17 -5.95
CA GLY A 182 -12.69 -1.99 -5.07
C GLY A 182 -12.12 -3.38 -4.83
N GLY A 183 -11.79 -3.72 -3.58
CA GLY A 183 -11.25 -5.03 -3.30
C GLY A 183 -11.03 -5.27 -1.82
N CYS A 184 -10.25 -6.30 -1.53
CA CYS A 184 -10.10 -6.82 -0.22
C CYS A 184 -8.63 -6.81 0.23
N THR A 185 -8.36 -6.10 1.32
CA THR A 185 -6.99 -5.93 1.83
C THR A 185 -6.27 -7.28 2.04
N SER A 186 -6.99 -8.25 2.60
CA SER A 186 -6.57 -9.64 2.74
C SER A 186 -6.00 -10.28 1.47
N GLU A 187 -6.67 -10.07 0.33
CA GLU A 187 -6.18 -10.63 -0.90
C GLU A 187 -4.78 -10.16 -1.17
N ALA A 188 -4.53 -8.83 -1.03
CA ALA A 188 -3.23 -8.27 -1.29
C ALA A 188 -2.19 -8.70 -0.22
N PHE A 189 -2.66 -8.83 1.04
CA PHE A 189 -1.83 -9.31 2.15
C PHE A 189 -1.29 -10.71 1.77
N GLU A 190 -2.19 -11.58 1.33
CA GLU A 190 -1.89 -12.93 0.92
C GLU A 190 -1.00 -12.98 -0.33
N ASP A 191 -1.25 -12.09 -1.29
CA ASP A 191 -0.43 -12.03 -2.53
C ASP A 191 0.99 -11.57 -2.24
N PHE A 192 1.15 -10.87 -1.12
CA PHE A 192 2.43 -10.32 -0.78
C PHE A 192 3.19 -11.26 0.11
N THR A 193 2.53 -12.28 0.65
CA THR A 193 3.14 -13.03 1.79
C THR A 193 3.09 -14.56 1.78
N GLY A 194 2.08 -15.14 1.15
CA GLY A 194 1.70 -16.53 1.41
C GLY A 194 0.97 -16.77 2.76
N GLY A 195 0.57 -15.71 3.48
CA GLY A 195 -0.01 -15.86 4.80
C GLY A 195 -1.48 -16.24 4.77
N VAL A 196 -2.07 -16.40 5.95
CA VAL A 196 -3.50 -16.65 6.08
C VAL A 196 -4.10 -15.51 6.95
N THR A 197 -5.29 -15.05 6.55
CA THR A 197 -5.92 -13.91 7.16
C THR A 197 -7.10 -14.29 8.03
N GLU A 198 -7.15 -13.70 9.20
CA GLU A 198 -8.26 -13.87 10.11
C GLU A 198 -8.85 -12.49 10.27
N TRP A 199 -10.15 -12.39 10.31
CA TRP A 199 -10.79 -11.11 10.41
C TRP A 199 -11.58 -11.03 11.74
N TYR A 200 -11.73 -9.80 12.26
CA TYR A 200 -12.46 -9.47 13.47
C TYR A 200 -13.57 -8.43 13.25
N ASP A 201 -14.78 -8.76 13.71
CA ASP A 201 -15.91 -7.84 13.78
C ASP A 201 -15.66 -7.07 15.07
N LEU A 202 -15.37 -5.77 14.95
CA LEU A 202 -14.92 -4.94 16.08
C LEU A 202 -16.01 -4.63 17.09
N GLN A 203 -17.28 -4.78 16.67
CA GLN A 203 -18.45 -4.66 17.52
C GLN A 203 -18.73 -5.98 18.27
N LYS A 204 -18.01 -7.03 17.90
CA LYS A 204 -17.99 -8.32 18.59
C LYS A 204 -16.59 -8.79 18.96
N ALA A 205 -15.68 -7.86 19.22
CA ALA A 205 -14.29 -8.18 19.54
C ALA A 205 -14.09 -9.16 20.74
N PRO A 206 -13.18 -10.14 20.59
CA PRO A 206 -12.79 -10.91 21.78
C PRO A 206 -12.20 -9.98 22.83
N SER A 207 -12.35 -10.35 24.10
CA SER A 207 -11.89 -9.48 25.19
C SER A 207 -10.38 -9.38 25.15
N ASP A 208 -9.70 -10.33 24.50
CA ASP A 208 -8.24 -10.25 24.37
C ASP A 208 -7.72 -9.60 23.03
N LEU A 209 -8.55 -8.82 22.32
CA LEU A 209 -8.17 -8.40 20.95
C LEU A 209 -6.92 -7.50 20.95
N TYR A 210 -6.79 -6.62 21.93
CA TYR A 210 -5.62 -5.72 21.92
C TYR A 210 -4.32 -6.47 22.10
N GLN A 211 -4.31 -7.47 22.97
CA GLN A 211 -3.19 -8.41 23.06
C GLN A 211 -2.91 -9.18 21.76
N ILE A 212 -3.95 -9.55 21.04
CA ILE A 212 -3.83 -10.21 19.73
C ILE A 212 -3.10 -9.28 18.75
N ILE A 213 -3.47 -7.98 18.79
CA ILE A 213 -2.89 -6.95 17.93
C ILE A 213 -1.43 -6.77 18.29
N LEU A 214 -1.12 -6.61 19.57
CA LEU A 214 0.24 -6.45 20.06
C LEU A 214 1.15 -7.56 19.58
N LYS A 215 0.67 -8.81 19.72
CA LYS A 215 1.46 -9.96 19.32
C LYS A 215 1.65 -10.07 17.83
N ALA A 216 0.59 -9.77 17.05
CA ALA A 216 0.65 -9.81 15.59
C ALA A 216 1.66 -8.81 15.07
N LEU A 217 1.64 -7.60 15.63
CA LEU A 217 2.58 -6.59 15.17
C LEU A 217 4.00 -6.96 15.60
N GLU A 218 4.16 -7.53 16.79
CA GLU A 218 5.49 -7.99 17.19
C GLU A 218 6.11 -8.98 16.20
N ARG A 219 5.33 -10.00 15.83
CA ARG A 219 5.69 -11.08 14.90
C ARG A 219 5.82 -10.64 13.47
N GLY A 220 5.48 -9.40 13.16
CA GLY A 220 5.55 -8.91 11.77
C GLY A 220 4.34 -9.17 10.87
N SER A 221 3.23 -9.61 11.44
CA SER A 221 2.01 -9.84 10.63
C SER A 221 1.52 -8.51 10.11
N LEU A 222 0.75 -8.59 9.02
CA LEU A 222 0.13 -7.42 8.32
C LEU A 222 -1.27 -7.23 8.85
N LEU A 223 -1.57 -6.00 9.30
CA LEU A 223 -2.89 -5.63 9.84
C LEU A 223 -3.54 -4.49 9.04
N GLY A 224 -4.84 -4.61 8.83
CA GLY A 224 -5.58 -3.61 8.10
C GLY A 224 -6.94 -3.39 8.79
N CYS A 225 -7.58 -2.25 8.56
CA CYS A 225 -8.91 -1.99 9.16
C CYS A 225 -9.80 -1.16 8.25
N SER A 226 -11.12 -1.19 8.46
CA SER A 226 -12.04 -0.44 7.60
C SER A 226 -13.41 -0.28 8.27
N ILE A 227 -14.18 0.68 7.75
CA ILE A 227 -15.57 0.92 8.15
C ILE A 227 -16.39 0.35 7.04
N ASN A 228 -17.08 -0.74 7.35
CA ASN A 228 -18.05 -1.40 6.46
C ASN A 228 -19.13 -0.42 6.03
N ILE A 229 -19.46 -0.40 4.76
CA ILE A 229 -20.63 0.35 4.28
C ILE A 229 -21.59 -0.72 3.78
N SER A 230 -22.89 -0.46 3.86
CA SER A 230 -23.83 -1.39 3.22
C SER A 230 -24.56 -0.71 2.05
N ASP A 231 -24.38 0.62 1.93
CA ASP A 231 -24.92 1.43 0.85
C ASP A 231 -23.81 2.22 0.10
N ILE A 232 -23.73 2.08 -1.24
CA ILE A 232 -22.62 2.71 -2.03
C ILE A 232 -22.61 4.26 -2.16
N ARG A 233 -23.72 4.89 -1.82
CA ARG A 233 -23.73 6.34 -1.53
C ARG A 233 -22.76 6.67 -0.37
N ASP A 234 -22.42 5.68 0.45
CA ASP A 234 -21.49 5.88 1.55
C ASP A 234 -20.03 5.57 1.20
N LEU A 235 -19.76 5.04 0.00
CA LEU A 235 -18.39 4.77 -0.42
C LEU A 235 -17.57 6.05 -0.31
N GLU A 236 -16.46 5.99 0.45
CA GLU A 236 -15.55 7.15 0.61
C GLU A 236 -16.16 8.40 1.27
N ALA A 237 -17.35 8.26 1.87
CA ALA A 237 -17.92 9.34 2.67
C ALA A 237 -16.94 9.63 3.78
N ILE A 238 -16.80 10.92 4.11
CA ILE A 238 -15.94 11.37 5.19
C ILE A 238 -16.84 11.52 6.39
N THR A 239 -16.40 10.96 7.52
CA THR A 239 -17.19 11.01 8.71
C THR A 239 -16.97 12.33 9.45
N PHE A 240 -17.85 12.58 10.41
CA PHE A 240 -17.82 13.82 11.15
C PHE A 240 -16.45 14.06 11.77
N LYS A 241 -15.82 12.96 12.24
CA LYS A 241 -14.47 13.02 12.82
C LYS A 241 -13.36 12.71 11.83
N ASN A 242 -13.71 12.70 10.55
CA ASN A 242 -12.71 12.71 9.47
C ASN A 242 -12.11 11.34 9.14
N LEU A 243 -12.88 10.27 9.42
CA LEU A 243 -12.58 8.95 8.90
C LEU A 243 -13.16 8.81 7.49
N VAL A 244 -12.72 7.80 6.75
CA VAL A 244 -13.28 7.60 5.41
C VAL A 244 -13.96 6.26 5.45
N ARG A 245 -15.15 6.15 4.85
CA ARG A 245 -15.90 4.90 4.91
C ARG A 245 -15.66 4.09 3.64
N GLY A 246 -15.76 2.78 3.72
CA GLY A 246 -15.59 1.89 2.60
C GLY A 246 -14.16 1.94 2.12
N HIS A 247 -13.22 2.11 3.04
CA HIS A 247 -11.89 2.52 2.66
C HIS A 247 -10.85 1.77 3.50
N ALA A 248 -9.88 1.16 2.87
CA ALA A 248 -8.81 0.49 3.63
C ALA A 248 -7.80 1.39 4.34
N TYR A 249 -7.58 1.13 5.64
CA TYR A 249 -6.44 1.69 6.34
C TYR A 249 -5.46 0.57 6.67
N SER A 250 -4.23 0.96 6.90
CA SER A 250 -3.16 0.10 7.44
C SER A 250 -3.12 0.29 8.93
N VAL A 251 -2.98 -0.80 9.68
CA VAL A 251 -2.63 -0.71 11.10
C VAL A 251 -1.12 -0.81 11.25
N THR A 252 -0.52 0.25 11.78
CA THR A 252 0.91 0.42 11.70
C THR A 252 1.56 0.33 13.03
N ASP A 253 0.77 0.36 14.12
CA ASP A 253 1.35 0.21 15.46
C ASP A 253 0.27 0.05 16.53
N ALA A 254 0.70 -0.28 17.75
CA ALA A 254 -0.18 -0.44 18.90
C ALA A 254 0.73 -0.25 20.06
N LYS A 255 0.47 0.80 20.84
CA LYS A 255 1.31 1.10 21.99
C LYS A 255 0.39 1.55 23.12
N GLN A 256 0.83 1.28 24.35
CA GLN A 256 0.14 1.77 25.56
C GLN A 256 0.85 3.02 26.07
N VAL A 257 0.09 4.01 26.52
CA VAL A 257 0.64 5.24 27.07
C VAL A 257 0.14 5.41 28.50
N THR A 258 0.86 6.21 29.28
CA THR A 258 0.51 6.62 30.65
C THR A 258 -0.15 7.98 30.56
N TYR A 259 -1.48 7.98 30.63
CA TYR A 259 -2.28 9.19 30.50
C TYR A 259 -2.88 9.56 31.87
N GLN A 260 -2.48 10.71 32.43
CA GLN A 260 -2.84 11.09 33.82
C GLN A 260 -2.63 9.95 34.79
N GLY A 261 -1.51 9.25 34.64
CA GLY A 261 -1.16 8.15 35.53
C GLY A 261 -1.86 6.83 35.24
N GLN A 262 -2.76 6.82 34.25
CA GLN A 262 -3.53 5.64 33.85
C GLN A 262 -2.92 5.00 32.59
N ARG A 263 -3.03 3.69 32.45
CA ARG A 263 -2.61 3.02 31.18
C ARG A 263 -3.71 2.93 30.13
N VAL A 264 -3.41 3.42 28.93
CA VAL A 264 -4.38 3.57 27.86
C VAL A 264 -3.79 2.90 26.61
N ASN A 265 -4.64 2.06 25.97
CA ASN A 265 -4.29 1.30 24.76
C ASN A 265 -4.53 2.13 23.54
N LEU A 266 -3.47 2.43 22.83
CA LEU A 266 -3.60 3.18 21.57
C LEU A 266 -3.30 2.30 20.38
N ILE A 267 -3.87 2.67 19.25
CA ILE A 267 -3.58 1.96 18.02
C ILE A 267 -3.27 3.04 16.92
N ARG A 268 -2.32 2.75 16.05
CA ARG A 268 -1.90 3.66 15.01
C ARG A 268 -2.24 3.12 13.65
N MET A 269 -2.79 3.98 12.81
CA MET A 269 -3.14 3.56 11.47
C MET A 269 -2.86 4.59 10.39
N ARG A 270 -2.93 4.16 9.13
CA ARG A 270 -2.49 5.07 8.04
C ARG A 270 -3.43 5.00 6.90
N ASN A 271 -4.02 6.13 6.56
CA ASN A 271 -4.87 6.27 5.39
C ASN A 271 -3.93 6.23 4.15
N PRO A 272 -4.11 5.26 3.23
CA PRO A 272 -3.20 5.19 2.05
C PRO A 272 -3.27 6.40 1.11
N TRP A 273 -4.24 7.30 1.31
CA TRP A 273 -4.25 8.58 0.60
C TRP A 273 -3.02 9.42 0.97
N GLY A 274 -2.47 9.22 2.17
CA GLY A 274 -1.29 9.97 2.58
C GLY A 274 -1.73 11.29 3.18
N GLU A 275 -3.02 11.40 3.43
CA GLU A 275 -3.54 12.53 4.09
C GLU A 275 -4.99 12.17 4.50
N VAL A 276 -5.63 13.12 5.21
CA VAL A 276 -7.01 12.99 5.72
C VAL A 276 -7.05 11.99 6.90
N GLU A 277 -6.91 12.59 8.09
CA GLU A 277 -6.70 11.87 9.34
C GLU A 277 -7.83 12.11 10.33
N TRP A 278 -8.05 11.16 11.23
CA TRP A 278 -8.85 11.31 12.40
C TRP A 278 -8.61 12.60 13.14
N LYS A 279 -9.71 13.22 13.60
CA LYS A 279 -9.60 14.47 14.41
C LYS A 279 -10.06 14.32 15.87
N GLY A 280 -10.50 13.13 16.25
CA GLY A 280 -10.92 12.91 17.59
C GLY A 280 -9.75 12.83 18.58
N PRO A 281 -10.02 12.28 19.80
CA PRO A 281 -9.00 12.09 20.82
C PRO A 281 -7.88 11.24 20.27
N TRP A 282 -6.67 11.65 20.63
CA TRP A 282 -5.37 11.10 20.24
C TRP A 282 -4.84 11.49 18.85
N SER A 283 -5.63 12.23 18.08
CA SER A 283 -5.12 12.87 16.86
C SER A 283 -3.87 13.76 17.06
N ASP A 284 -3.22 14.14 15.96
CA ASP A 284 -1.86 14.68 16.04
C ASP A 284 -1.82 15.93 16.94
N ASN A 285 -2.79 16.80 16.72
CA ASN A 285 -2.86 18.05 17.48
C ASN A 285 -3.86 17.95 18.63
N SER A 286 -4.26 16.73 18.98
CA SER A 286 -5.21 16.53 20.10
C SER A 286 -4.63 16.87 21.47
N TYR A 287 -5.53 17.20 22.37
CA TYR A 287 -5.17 17.65 23.71
C TYR A 287 -4.61 16.53 24.61
N GLU A 288 -5.12 15.30 24.42
CA GLU A 288 -4.68 14.13 25.19
C GLU A 288 -3.18 13.95 25.33
N TRP A 289 -2.43 14.27 24.27
CA TRP A 289 -0.97 14.17 24.29
C TRP A 289 -0.25 14.99 25.36
N ASN A 290 -0.88 16.11 25.77
CA ASN A 290 -0.30 16.98 26.79
C ASN A 290 -0.27 16.28 28.12
N LYS A 291 -1.11 15.25 28.27
CA LYS A 291 -1.23 14.52 29.55
C LYS A 291 -0.50 13.19 29.60
N VAL A 292 0.35 12.91 28.60
CA VAL A 292 1.14 11.67 28.59
C VAL A 292 2.60 11.83 29.03
N ASP A 293 3.24 10.74 29.45
CA ASP A 293 4.68 10.78 29.70
C ASP A 293 5.40 11.46 28.52
N PRO A 294 6.32 12.42 28.81
CA PRO A 294 6.96 13.12 27.69
C PRO A 294 7.90 12.25 26.86
N TYR A 295 8.40 11.15 27.41
CA TYR A 295 9.18 10.22 26.58
C TYR A 295 8.25 9.55 25.57
N GLU A 296 7.05 9.19 26.00
CA GLU A 296 6.10 8.52 25.12
C GLU A 296 5.56 9.42 24.07
N ARG A 297 5.17 10.64 24.46
CA ARG A 297 4.71 11.65 23.52
C ARG A 297 5.73 11.86 22.40
N GLU A 298 7.01 12.02 22.76
CA GLU A 298 8.06 12.28 21.76
C GLU A 298 8.37 11.10 20.88
N GLN A 299 8.29 9.92 21.48
CA GLN A 299 8.43 8.64 20.76
C GLN A 299 7.26 8.35 19.78
N LEU A 300 6.04 8.65 20.19
CA LEU A 300 4.85 8.17 19.50
C LEU A 300 4.20 9.19 18.58
N ARG A 301 4.08 10.42 19.08
CA ARG A 301 3.36 11.45 18.40
C ARG A 301 4.22 12.22 17.37
N VAL A 302 3.75 12.27 16.12
CA VAL A 302 4.34 13.11 15.08
C VAL A 302 3.22 14.06 14.60
N LYS A 303 3.47 15.37 14.72
CA LYS A 303 2.60 16.42 14.18
C LYS A 303 2.83 16.63 12.69
N MET A 304 2.13 15.86 11.85
CA MET A 304 2.26 15.93 10.39
C MET A 304 1.06 15.38 9.62
N GLU A 305 0.66 16.07 8.58
CA GLU A 305 -0.43 15.62 7.73
C GLU A 305 0.17 14.62 6.76
N ASP A 306 0.12 13.35 7.14
CA ASP A 306 0.83 12.31 6.43
C ASP A 306 -0.09 11.07 6.28
N GLY A 307 -1.35 11.22 6.72
CA GLY A 307 -2.35 10.15 6.66
C GLY A 307 -2.34 9.19 7.83
N GLU A 308 -1.33 9.31 8.69
CA GLU A 308 -1.09 8.42 9.82
C GLU A 308 -1.43 9.04 11.17
N PHE A 309 -2.14 8.32 12.03
CA PHE A 309 -2.59 8.98 13.26
C PHE A 309 -2.86 7.91 14.30
N TRP A 310 -2.99 8.34 15.54
CA TRP A 310 -3.43 7.41 16.60
C TRP A 310 -4.89 7.60 17.02
N MET A 311 -5.49 6.52 17.52
CA MET A 311 -6.77 6.50 18.24
C MET A 311 -6.58 5.65 19.49
N SER A 312 -7.40 5.87 20.54
CA SER A 312 -7.53 4.91 21.63
C SER A 312 -8.20 3.68 21.07
N PHE A 313 -7.75 2.51 21.52
CA PHE A 313 -8.42 1.26 21.19
C PHE A 313 -9.96 1.28 21.41
N ARG A 314 -10.40 1.90 22.52
CA ARG A 314 -11.80 2.15 22.81
C ARG A 314 -12.51 2.84 21.67
N ASP A 315 -11.99 3.96 21.16
CA ASP A 315 -12.62 4.67 19.97
C ASP A 315 -12.51 3.87 18.70
N PHE A 316 -11.40 3.17 18.57
CA PHE A 316 -11.10 2.39 17.38
C PHE A 316 -12.13 1.29 17.19
N ILE A 317 -12.47 0.56 18.28
CA ILE A 317 -13.42 -0.52 18.14
C ILE A 317 -14.85 -0.01 18.07
N ARG A 318 -15.09 1.28 18.40
CA ARG A 318 -16.38 1.93 18.10
C ARG A 318 -16.47 2.46 16.66
N GLU A 319 -15.39 3.01 16.12
CA GLU A 319 -15.51 3.72 14.87
C GLU A 319 -15.32 2.80 13.69
N PHE A 320 -14.39 1.85 13.82
CA PHE A 320 -14.07 0.95 12.74
C PHE A 320 -14.90 -0.29 12.94
N THR A 321 -15.12 -1.04 11.87
CA THR A 321 -15.98 -2.20 12.02
C THR A 321 -15.27 -3.55 11.76
N LYS A 322 -14.18 -3.50 11.00
CA LYS A 322 -13.47 -4.72 10.54
C LYS A 322 -11.97 -4.60 10.78
N LEU A 323 -11.36 -5.66 11.34
CA LEU A 323 -9.88 -5.78 11.45
C LEU A 323 -9.41 -7.06 10.75
N GLU A 324 -8.43 -6.94 9.83
CA GLU A 324 -7.75 -8.07 9.17
C GLU A 324 -6.31 -8.24 9.67
N ILE A 325 -5.95 -9.48 10.03
CA ILE A 325 -4.62 -9.81 10.47
C ILE A 325 -4.09 -10.89 9.51
N CYS A 326 -2.95 -10.64 8.85
CA CYS A 326 -2.38 -11.67 8.01
C CYS A 326 -1.19 -12.28 8.72
N ASN A 327 -1.27 -13.59 8.99
CA ASN A 327 -0.16 -14.24 9.68
C ASN A 327 0.85 -14.74 8.66
N LEU A 328 2.13 -14.44 8.87
CA LEU A 328 3.18 -14.75 7.92
C LEU A 328 3.70 -16.19 7.87
N THR A 329 3.34 -17.00 8.88
CA THR A 329 3.78 -18.36 8.96
C THR A 329 2.56 -19.25 9.22
N PRO A 330 1.73 -19.48 8.17
CA PRO A 330 0.57 -20.31 8.37
C PRO A 330 0.93 -21.83 8.44
N ASP A 331 0.07 -22.61 9.11
CA ASP A 331 0.07 -24.08 9.01
C ASP A 331 -0.19 -24.52 7.58
N LEU A 332 0.37 -25.65 7.16
CA LEU A 332 0.22 -26.15 5.76
C LEU A 332 -1.18 -26.18 5.10
N GLU A 333 -2.23 -26.69 5.73
CA GLU A 333 -3.48 -26.86 4.91
C GLU A 333 -4.50 -25.70 4.85
#